data_8F8M
#
_entry.id   8F8M
#
_cell.length_a   89.161
_cell.length_b   89.161
_cell.length_c   105.692
_cell.angle_alpha   90.000
_cell.angle_beta   90.000
_cell.angle_gamma   120.000
#
_symmetry.space_group_name_H-M   'P 32 2 1'
#
loop_
_entity.id
_entity.type
_entity.pdbx_description
1 polymer 'Nuclear receptor subfamily 5 group A member 2'
2 polymer 'Nuclear receptor coactivator 2'
3 non-polymer (1~{R},3~{a}~{R},6~{a}~{R})-4-phenyl-3~{a}-(1-phenylethenyl)-5-[9-(1~{H}-1,2,3,4-tetrazol-5-yl)nonyl]-2,3,6,6~{a}-tetrahydro-1~{H}-pentalen-1-ol
4 water water
#
loop_
_entity_poly.entity_id
_entity_poly.type
_entity_poly.pdbx_seq_one_letter_code
_entity_poly.pdbx_strand_id
1 'polypeptide(L)'
;SNAASIPHLILELLKCEPDEPQVQAKIMAYLQQEQANRSKHEKLSTFGLMCKMADQTLFSIVEWARSSIFFRELKVDDQM
KLLQNCWSELLILDHIYRQVVHGKEGSIFLVTGQQVDYSIIASQAGATLNNLMSHAQELVAKLRSLQFDQREFVCLKFLV
LFSLDVKNLENFQLVEGVQEQVNAALLDYTMCNYPQQTEKFGQLLLRLPEIRAISMQAEEYLYYKHLNGDVPYNNLLIEM
LHAKRA
;
A
2 'polypeptide(L)' KENALLRYLLDKDD B
#
loop_
_chem_comp.id
_chem_comp.type
_chem_comp.name
_chem_comp.formula
XKE non-polymer (1~{R},3~{a}~{R},6~{a}~{R})-4-phenyl-3~{a}-(1-phenylethenyl)-5-[9-(1~{H}-1,2,3,4-tetrazol-5-yl)nonyl]-2,3,6,6~{a}-tetrahydro-1~{H}-pentalen-1-ol 'C32 H40 N4 O'
#
# COMPACT_ATOMS: atom_id res chain seq x y z
N ALA A 4 -11.91 -18.26 -15.31
CA ALA A 4 -11.03 -17.12 -15.17
C ALA A 4 -11.15 -16.19 -16.36
N SER A 5 -12.31 -15.56 -16.49
CA SER A 5 -12.53 -14.57 -17.54
C SER A 5 -12.00 -13.22 -17.07
N ILE A 6 -10.84 -12.82 -17.58
CA ILE A 6 -10.15 -11.62 -17.14
C ILE A 6 -10.02 -10.69 -18.34
N PRO A 7 -10.46 -9.44 -18.24
CA PRO A 7 -10.25 -8.49 -19.33
C PRO A 7 -8.77 -8.26 -19.58
N HIS A 8 -8.46 -7.82 -20.81
CA HIS A 8 -7.07 -7.64 -21.21
C HIS A 8 -6.38 -6.56 -20.37
N LEU A 9 -7.13 -5.50 -20.02
CA LEU A 9 -6.56 -4.45 -19.20
C LEU A 9 -6.15 -4.97 -17.83
N ILE A 10 -6.98 -5.84 -17.23
CA ILE A 10 -6.64 -6.38 -15.92
C ILE A 10 -5.41 -7.28 -16.01
N LEU A 11 -5.23 -7.99 -17.14
CA LEU A 11 -4.02 -8.77 -17.32
C LEU A 11 -2.79 -7.87 -17.44
N GLU A 12 -2.90 -6.79 -18.22
CA GLU A 12 -1.81 -5.82 -18.33
C GLU A 12 -1.46 -5.25 -16.96
N LEU A 13 -2.47 -5.02 -16.12
CA LEU A 13 -2.22 -4.49 -14.79
C LEU A 13 -1.58 -5.53 -13.88
N LEU A 14 -2.01 -6.79 -13.98
CA LEU A 14 -1.39 -7.87 -13.22
C LEU A 14 0.07 -8.06 -13.60
N LYS A 15 0.41 -7.76 -14.86
CA LYS A 15 1.79 -7.91 -15.31
C LYS A 15 2.78 -7.03 -14.54
N CYS A 16 2.29 -6.04 -13.79
CA CYS A 16 3.18 -5.17 -13.00
C CYS A 16 3.31 -5.62 -11.55
N GLU A 17 2.74 -6.76 -11.19
CA GLU A 17 2.82 -7.23 -9.80
C GLU A 17 4.22 -7.73 -9.50
N PRO A 18 4.86 -7.25 -8.44
CA PRO A 18 6.20 -7.74 -8.10
C PRO A 18 6.14 -9.17 -7.57
N ASP A 19 7.28 -9.84 -7.65
CA ASP A 19 7.39 -11.20 -7.13
C ASP A 19 7.31 -11.16 -5.61
N GLU A 20 6.23 -11.71 -5.06
CA GLU A 20 6.00 -11.63 -3.61
C GLU A 20 7.10 -12.30 -2.80
N PRO A 21 7.48 -13.57 -3.06
CA PRO A 21 8.54 -14.17 -2.23
C PRO A 21 9.88 -13.47 -2.36
N GLN A 22 10.20 -12.97 -3.55
CA GLN A 22 11.47 -12.25 -3.74
C GLN A 22 11.52 -11.02 -2.84
N VAL A 23 10.47 -10.20 -2.87
CA VAL A 23 10.46 -8.99 -2.06
C VAL A 23 10.40 -9.33 -0.58
N GLN A 24 9.70 -10.42 -0.21
CA GLN A 24 9.68 -10.85 1.18
C GLN A 24 11.09 -11.18 1.68
N ALA A 25 11.81 -11.99 0.92
CA ALA A 25 13.18 -12.36 1.30
C ALA A 25 14.08 -11.13 1.37
N LYS A 26 14.00 -10.27 0.36
CA LYS A 26 14.82 -9.05 0.35
C LYS A 26 14.57 -8.23 1.61
N ILE A 27 13.30 -7.99 1.93
CA ILE A 27 12.97 -7.11 3.06
C ILE A 27 13.42 -7.73 4.38
N MET A 28 13.15 -9.02 4.56
CA MET A 28 13.51 -9.67 5.84
C MET A 28 15.03 -9.70 6.03
N ALA A 29 15.76 -10.02 4.96
CA ALA A 29 17.21 -10.06 5.04
C ALA A 29 17.76 -8.68 5.38
N TYR A 30 17.37 -7.66 4.60
CA TYR A 30 17.80 -6.30 4.88
C TYR A 30 17.49 -5.90 6.32
N LEU A 31 16.29 -6.24 6.80
CA LEU A 31 15.84 -5.81 8.11
C LEU A 31 16.69 -6.42 9.22
N GLN A 32 16.70 -7.75 9.33
CA GLN A 32 17.44 -8.33 10.44
C GLN A 32 18.95 -8.26 10.24
N GLN A 33 19.43 -7.90 9.05
CA GLN A 33 20.84 -7.62 8.91
C GLN A 33 21.17 -6.25 9.47
N GLU A 34 20.38 -5.23 9.12
CA GLU A 34 20.51 -3.93 9.76
C GLU A 34 20.40 -4.05 11.27
N GLN A 35 19.55 -4.98 11.74
CA GLN A 35 19.57 -5.34 13.15
C GLN A 35 20.96 -5.84 13.54
N ALA A 36 21.40 -6.95 12.93
CA ALA A 36 22.69 -7.55 13.24
C ALA A 36 23.85 -6.56 13.09
N ASN A 37 23.69 -5.50 12.30
CA ASN A 37 24.72 -4.48 12.19
C ASN A 37 24.78 -3.56 13.40
N ARG A 38 24.11 -3.93 14.49
CA ARG A 38 24.25 -3.29 15.78
C ARG A 38 24.52 -4.37 16.81
N SER A 39 25.02 -3.97 17.97
CA SER A 39 25.19 -4.94 19.05
C SER A 39 24.00 -4.86 20.01
N LYS A 40 23.93 -5.85 20.91
CA LYS A 40 22.71 -6.19 21.63
C LYS A 40 21.90 -5.01 22.15
N HIS A 41 22.56 -3.99 22.70
CA HIS A 41 21.83 -2.87 23.31
C HIS A 41 21.97 -1.58 22.52
N GLU A 42 22.22 -1.66 21.21
CA GLU A 42 22.01 -0.54 20.29
C GLU A 42 21.06 -0.96 19.18
N LYS A 43 20.12 -1.84 19.51
CA LYS A 43 19.21 -2.47 18.56
C LYS A 43 18.00 -1.58 18.30
N LEU A 44 17.20 -1.97 17.32
CA LEU A 44 16.05 -1.20 16.89
C LEU A 44 14.84 -1.44 17.79
N SER A 45 14.01 -0.42 17.90
CA SER A 45 12.69 -0.59 18.51
C SER A 45 11.80 -1.41 17.58
N THR A 46 10.72 -1.96 18.16
CA THR A 46 9.69 -2.57 17.32
C THR A 46 9.06 -1.53 16.40
N PHE A 47 8.87 -0.31 16.92
CA PHE A 47 8.40 0.80 16.10
C PHE A 47 9.39 1.10 14.97
N GLY A 48 10.68 1.10 15.27
CA GLY A 48 11.68 1.27 14.22
C GLY A 48 11.68 0.14 13.22
N LEU A 49 11.43 -1.08 13.69
CA LEU A 49 11.32 -2.23 12.78
C LEU A 49 10.17 -2.02 11.80
N MET A 50 9.01 -1.59 12.32
CA MET A 50 7.88 -1.35 11.43
C MET A 50 8.14 -0.17 10.50
N CYS A 51 8.87 0.85 10.95
CA CYS A 51 9.25 1.94 10.07
C CYS A 51 10.13 1.46 8.94
N LYS A 52 11.12 0.61 9.24
CA LYS A 52 11.96 0.04 8.21
C LYS A 52 11.16 -0.80 7.23
N MET A 53 10.22 -1.60 7.74
CA MET A 53 9.36 -2.40 6.87
C MET A 53 8.54 -1.52 5.95
N ALA A 54 7.97 -0.45 6.48
CA ALA A 54 7.19 0.47 5.65
C ALA A 54 8.06 1.16 4.62
N ASP A 55 9.31 1.47 4.96
CA ASP A 55 10.21 2.09 4.00
C ASP A 55 10.53 1.14 2.85
N GLN A 56 10.83 -0.12 3.17
CA GLN A 56 11.09 -1.10 2.12
C GLN A 56 9.85 -1.32 1.25
N THR A 57 8.67 -1.38 1.88
CA THR A 57 7.45 -1.54 1.12
C THR A 57 7.16 -0.32 0.24
N LEU A 58 7.57 0.87 0.68
CA LEU A 58 7.39 2.05 -0.15
C LEU A 58 8.36 2.04 -1.34
N PHE A 59 9.57 1.54 -1.13
CA PHE A 59 10.47 1.31 -2.26
C PHE A 59 9.84 0.36 -3.27
N SER A 60 9.25 -0.74 -2.77
CA SER A 60 8.58 -1.68 -3.66
C SER A 60 7.39 -1.04 -4.36
N ILE A 61 6.67 -0.16 -3.65
CA ILE A 61 5.52 0.52 -4.25
C ILE A 61 5.98 1.44 -5.37
N VAL A 62 7.10 2.14 -5.17
CA VAL A 62 7.62 3.03 -6.20
C VAL A 62 8.04 2.23 -7.42
N GLU A 63 8.76 1.12 -7.20
CA GLU A 63 9.20 0.33 -8.34
C GLU A 63 8.04 -0.37 -9.04
N TRP A 64 6.93 -0.60 -8.33
CA TRP A 64 5.73 -1.12 -8.97
C TRP A 64 5.00 -0.03 -9.76
N ALA A 65 5.01 1.20 -9.24
CA ALA A 65 4.32 2.29 -9.92
C ALA A 65 5.03 2.67 -11.21
N ARG A 66 6.36 2.78 -11.17
CA ARG A 66 7.09 3.05 -12.40
C ARG A 66 7.20 1.83 -13.30
N SER A 67 6.55 0.74 -12.95
CA SER A 67 6.43 -0.43 -13.82
C SER A 67 5.25 -0.33 -14.78
N SER A 68 4.36 0.64 -14.60
CA SER A 68 3.20 0.82 -15.44
C SER A 68 3.44 1.96 -16.43
N ILE A 69 3.06 1.72 -17.69
CA ILE A 69 3.28 2.72 -18.73
C ILE A 69 2.39 3.93 -18.51
N PHE A 70 1.18 3.73 -17.98
CA PHE A 70 0.32 4.86 -17.64
C PHE A 70 1.04 5.83 -16.71
N PHE A 71 1.70 5.29 -15.69
CA PHE A 71 2.45 6.13 -14.76
C PHE A 71 3.77 6.59 -15.38
N ARG A 72 4.40 5.73 -16.18
CA ARG A 72 5.70 6.04 -16.75
C ARG A 72 5.62 7.14 -17.80
N GLU A 73 4.48 7.28 -18.48
CA GLU A 73 4.33 8.27 -19.53
C GLU A 73 3.96 9.66 -18.99
N LEU A 74 3.74 9.79 -17.69
CA LEU A 74 3.53 11.11 -17.10
C LEU A 74 4.87 11.77 -16.80
N LYS A 75 4.87 13.09 -16.77
CA LYS A 75 6.07 13.82 -16.35
C LYS A 75 6.28 13.64 -14.85
N VAL A 76 7.56 13.68 -14.45
CA VAL A 76 7.94 13.30 -13.09
C VAL A 76 7.22 14.13 -12.04
N ASP A 77 6.84 15.36 -12.38
CA ASP A 77 6.10 16.19 -11.42
C ASP A 77 4.73 15.59 -11.10
N ASP A 78 3.98 15.20 -12.13
CA ASP A 78 2.68 14.59 -11.90
C ASP A 78 2.82 13.23 -11.21
N GLN A 79 3.85 12.46 -11.57
CA GLN A 79 4.12 11.22 -10.87
C GLN A 79 4.33 11.47 -9.38
N MET A 80 5.13 12.49 -9.06
CA MET A 80 5.35 12.85 -7.66
C MET A 80 4.05 13.21 -6.97
N LYS A 81 3.25 14.08 -7.60
CA LYS A 81 1.99 14.50 -6.98
C LYS A 81 1.09 13.31 -6.70
N LEU A 82 0.95 12.41 -7.69
CA LEU A 82 0.17 11.19 -7.49
C LEU A 82 0.68 10.39 -6.31
N LEU A 83 1.99 10.12 -6.27
CA LEU A 83 2.54 9.26 -5.24
C LEU A 83 2.40 9.89 -3.85
N GLN A 84 2.62 11.20 -3.74
CA GLN A 84 2.45 11.85 -2.45
C GLN A 84 0.99 11.90 -2.03
N ASN A 85 0.06 11.87 -2.98
CA ASN A 85 -1.34 11.78 -2.58
C ASN A 85 -1.74 10.37 -2.17
N CYS A 86 -1.08 9.34 -2.71
CA CYS A 86 -1.59 7.98 -2.59
C CYS A 86 -0.68 6.97 -1.87
N TRP A 87 0.47 7.38 -1.35
CA TRP A 87 1.44 6.39 -0.88
C TRP A 87 0.95 5.66 0.39
N SER A 88 0.45 6.40 1.38
CA SER A 88 -0.03 5.74 2.59
C SER A 88 -1.27 4.91 2.31
N GLU A 89 -2.11 5.33 1.37
CA GLU A 89 -3.26 4.53 0.99
C GLU A 89 -2.82 3.22 0.34
N LEU A 90 -1.80 3.28 -0.52
CA LEU A 90 -1.27 2.05 -1.12
C LEU A 90 -0.69 1.14 -0.05
N LEU A 91 -0.01 1.72 0.95
CA LEU A 91 0.55 0.91 2.03
C LEU A 91 -0.55 0.19 2.81
N ILE A 92 -1.58 0.94 3.23
CA ILE A 92 -2.65 0.34 4.01
C ILE A 92 -3.39 -0.71 3.20
N LEU A 93 -3.63 -0.44 1.92
CA LEU A 93 -4.33 -1.40 1.08
C LEU A 93 -3.51 -2.66 0.87
N ASP A 94 -2.19 -2.52 0.68
CA ASP A 94 -1.34 -3.70 0.54
C ASP A 94 -1.35 -4.54 1.82
N HIS A 95 -1.30 -3.89 2.98
CA HIS A 95 -1.37 -4.63 4.24
C HIS A 95 -2.71 -5.36 4.37
N ILE A 96 -3.81 -4.69 4.01
CA ILE A 96 -5.12 -5.29 4.12
C ILE A 96 -5.23 -6.51 3.20
N TYR A 97 -4.72 -6.40 1.98
CA TYR A 97 -4.79 -7.53 1.05
C TYR A 97 -3.90 -8.68 1.51
N ARG A 98 -2.72 -8.36 2.06
CA ARG A 98 -1.86 -9.40 2.62
C ARG A 98 -2.58 -10.14 3.74
N GLN A 99 -3.31 -9.41 4.59
CA GLN A 99 -4.08 -10.06 5.65
C GLN A 99 -5.20 -10.92 5.08
N VAL A 100 -5.90 -10.42 4.05
CA VAL A 100 -7.00 -11.18 3.46
C VAL A 100 -6.49 -12.49 2.86
N VAL A 101 -5.33 -12.45 2.22
CA VAL A 101 -4.79 -13.65 1.57
C VAL A 101 -4.12 -14.56 2.61
N HIS A 102 -2.94 -14.16 3.08
CA HIS A 102 -2.13 -15.05 3.91
C HIS A 102 -2.58 -15.10 5.36
N GLY A 103 -3.39 -14.13 5.81
CA GLY A 103 -3.67 -14.03 7.22
C GLY A 103 -4.57 -15.14 7.74
N LYS A 104 -4.23 -15.64 8.92
CA LYS A 104 -5.19 -16.39 9.73
C LYS A 104 -6.05 -15.38 10.48
N GLU A 105 -6.48 -15.72 11.69
CA GLU A 105 -7.09 -14.71 12.55
C GLU A 105 -6.60 -14.95 13.97
N GLY A 106 -6.26 -13.86 14.64
CA GLY A 106 -5.42 -13.88 15.81
C GLY A 106 -3.97 -13.58 15.52
N SER A 107 -3.63 -13.20 14.29
CA SER A 107 -2.25 -12.94 13.90
C SER A 107 -2.24 -11.97 12.72
N ILE A 108 -1.10 -11.31 12.55
CA ILE A 108 -0.86 -10.38 11.44
C ILE A 108 0.25 -10.94 10.57
N PHE A 109 0.05 -10.93 9.27
CA PHE A 109 1.06 -11.34 8.31
C PHE A 109 1.79 -10.11 7.79
N LEU A 110 3.12 -10.13 7.86
CA LEU A 110 3.93 -8.99 7.50
C LEU A 110 4.51 -9.17 6.08
N VAL A 111 5.03 -8.06 5.55
CA VAL A 111 5.62 -8.06 4.22
C VAL A 111 6.88 -8.93 4.18
N THR A 112 7.47 -9.24 5.32
CA THR A 112 8.62 -10.13 5.38
C THR A 112 8.25 -11.60 5.28
N GLY A 113 6.96 -11.92 5.35
CA GLY A 113 6.54 -13.31 5.37
C GLY A 113 6.46 -13.92 6.75
N GLN A 114 6.19 -13.11 7.78
CA GLN A 114 6.17 -13.57 9.16
C GLN A 114 4.75 -13.53 9.70
N GLN A 115 4.35 -14.60 10.37
CA GLN A 115 3.09 -14.65 11.09
C GLN A 115 3.35 -14.18 12.52
N VAL A 116 2.84 -13.01 12.89
CA VAL A 116 3.08 -12.43 14.20
C VAL A 116 1.80 -12.53 15.02
N ASP A 117 1.95 -12.88 16.29
CA ASP A 117 0.79 -12.91 17.17
C ASP A 117 0.18 -11.52 17.27
N TYR A 118 -1.15 -11.45 17.13
CA TYR A 118 -1.81 -10.15 17.09
C TYR A 118 -1.78 -9.45 18.44
N SER A 119 -2.01 -10.19 19.53
CA SER A 119 -2.00 -9.55 20.84
C SER A 119 -0.60 -9.11 21.24
N ILE A 120 0.44 -9.84 20.83
CA ILE A 120 1.81 -9.45 21.13
C ILE A 120 2.13 -8.10 20.50
N ILE A 121 1.52 -7.79 19.35
CA ILE A 121 1.72 -6.49 18.73
C ILE A 121 0.80 -5.44 19.32
N ALA A 122 -0.46 -5.82 19.58
CA ALA A 122 -1.44 -4.86 20.09
C ALA A 122 -1.09 -4.38 21.49
N SER A 123 -0.39 -5.20 22.28
CA SER A 123 0.01 -4.79 23.61
C SER A 123 1.16 -3.79 23.60
N GLN A 124 1.85 -3.64 22.47
CA GLN A 124 2.97 -2.71 22.37
C GLN A 124 2.60 -1.40 21.66
N ALA A 125 1.40 -1.30 21.13
CA ALA A 125 0.97 -0.12 20.39
C ALA A 125 0.07 0.77 21.23
N GLY A 126 0.04 2.04 20.88
CA GLY A 126 -0.82 3.00 21.54
C GLY A 126 -2.27 2.86 21.12
N ALA A 127 -3.10 3.77 21.65
CA ALA A 127 -4.53 3.70 21.38
C ALA A 127 -4.84 3.96 19.92
N THR A 128 -4.17 4.95 19.31
CA THR A 128 -4.43 5.29 17.92
C THR A 128 -4.06 4.13 16.99
N LEU A 129 -2.87 3.57 17.19
CA LEU A 129 -2.42 2.46 16.35
C LEU A 129 -3.30 1.24 16.55
N ASN A 130 -3.74 1.00 17.78
CA ASN A 130 -4.64 -0.14 18.04
C ASN A 130 -5.98 0.06 17.34
N ASN A 131 -6.54 1.27 17.39
CA ASN A 131 -7.79 1.54 16.70
C ASN A 131 -7.63 1.37 15.19
N LEU A 132 -6.52 1.86 14.64
CA LEU A 132 -6.30 1.73 13.20
C LEU A 132 -6.14 0.28 12.79
N MET A 133 -5.39 -0.50 13.57
CA MET A 133 -5.23 -1.92 13.26
C MET A 133 -6.55 -2.68 13.41
N SER A 134 -7.38 -2.29 14.37
CA SER A 134 -8.69 -2.93 14.54
C SER A 134 -9.58 -2.64 13.34
N HIS A 135 -9.60 -1.38 12.88
CA HIS A 135 -10.37 -1.04 11.69
C HIS A 135 -9.84 -1.77 10.46
N ALA A 136 -8.51 -1.92 10.37
CA ALA A 136 -7.93 -2.65 9.26
C ALA A 136 -8.35 -4.12 9.27
N GLN A 137 -8.32 -4.75 10.44
CA GLN A 137 -8.79 -6.14 10.54
C GLN A 137 -10.27 -6.24 10.23
N GLU A 138 -11.05 -5.23 10.61
CA GLU A 138 -12.47 -5.18 10.24
C GLU A 138 -12.64 -5.21 8.73
N LEU A 139 -11.93 -4.33 8.03
CA LEU A 139 -12.01 -4.31 6.57
C LEU A 139 -11.49 -5.60 5.96
N VAL A 140 -10.50 -6.22 6.58
CA VAL A 140 -10.00 -7.52 6.12
C VAL A 140 -11.11 -8.56 6.18
N ALA A 141 -11.82 -8.61 7.31
CA ALA A 141 -12.91 -9.56 7.47
C ALA A 141 -14.02 -9.30 6.47
N LYS A 142 -14.39 -8.02 6.31
CA LYS A 142 -15.48 -7.68 5.39
C LYS A 142 -15.10 -7.99 3.93
N LEU A 143 -13.83 -7.82 3.57
CA LEU A 143 -13.39 -8.15 2.22
C LEU A 143 -13.28 -9.65 2.00
N ARG A 144 -12.92 -10.41 3.04
CA ARG A 144 -12.86 -11.86 2.90
C ARG A 144 -14.26 -12.46 2.82
N SER A 145 -15.24 -11.86 3.51
CA SER A 145 -16.62 -12.27 3.31
C SER A 145 -17.10 -12.00 1.89
N LEU A 146 -16.37 -11.19 1.13
CA LEU A 146 -16.71 -10.88 -0.26
C LEU A 146 -15.86 -11.64 -1.26
N GLN A 147 -14.90 -12.45 -0.79
CA GLN A 147 -13.99 -13.20 -1.64
C GLN A 147 -13.16 -12.26 -2.52
N PHE A 148 -12.37 -11.42 -1.85
CA PHE A 148 -11.48 -10.48 -2.52
C PHE A 148 -10.31 -11.23 -3.14
N ASP A 149 -10.14 -11.10 -4.45
CA ASP A 149 -9.08 -11.81 -5.16
C ASP A 149 -7.96 -10.85 -5.56
N GLN A 150 -7.09 -11.32 -6.45
CA GLN A 150 -5.91 -10.55 -6.82
C GLN A 150 -6.21 -9.50 -7.89
N ARG A 151 -7.11 -9.80 -8.83
CA ARG A 151 -7.39 -8.84 -9.91
C ARG A 151 -8.12 -7.61 -9.38
N GLU A 152 -9.10 -7.82 -8.50
CA GLU A 152 -9.76 -6.69 -7.85
C GLU A 152 -8.77 -5.86 -7.05
N PHE A 153 -7.83 -6.54 -6.38
CA PHE A 153 -6.79 -5.84 -5.63
C PHE A 153 -5.91 -5.01 -6.54
N VAL A 154 -5.52 -5.57 -7.69
CA VAL A 154 -4.71 -4.82 -8.64
C VAL A 154 -5.45 -3.59 -9.14
N CYS A 155 -6.73 -3.76 -9.49
CA CYS A 155 -7.49 -2.61 -10.01
C CYS A 155 -7.72 -1.55 -8.92
N LEU A 156 -7.90 -1.98 -7.67
CA LEU A 156 -7.99 -1.02 -6.57
C LEU A 156 -6.68 -0.25 -6.40
N LYS A 157 -5.55 -0.95 -6.52
CA LYS A 157 -4.27 -0.26 -6.46
C LYS A 157 -4.16 0.80 -7.56
N PHE A 158 -4.54 0.43 -8.78
CA PHE A 158 -4.42 1.38 -9.89
C PHE A 158 -5.42 2.52 -9.76
N LEU A 159 -6.55 2.28 -9.09
CA LEU A 159 -7.51 3.37 -8.86
C LEU A 159 -6.99 4.32 -7.78
N VAL A 160 -6.34 3.78 -6.75
CA VAL A 160 -5.78 4.64 -5.69
C VAL A 160 -4.62 5.46 -6.25
N LEU A 161 -3.76 4.84 -7.06
CA LEU A 161 -2.61 5.55 -7.60
C LEU A 161 -3.03 6.72 -8.49
N PHE A 162 -4.16 6.58 -9.18
CA PHE A 162 -4.61 7.64 -10.09
C PHE A 162 -5.87 8.30 -9.55
N SER A 163 -5.79 8.91 -8.37
CA SER A 163 -6.95 9.55 -7.77
C SER A 163 -7.41 10.74 -8.62
N LEU A 164 -8.71 11.01 -8.59
CA LEU A 164 -9.28 12.17 -9.27
C LEU A 164 -9.23 13.43 -8.42
N ASP A 165 -8.89 13.31 -7.14
CA ASP A 165 -8.82 14.45 -6.23
C ASP A 165 -7.48 15.18 -6.29
N VAL A 166 -6.57 14.74 -7.15
CA VAL A 166 -5.27 15.39 -7.29
C VAL A 166 -5.42 16.60 -8.20
N LYS A 167 -5.14 17.79 -7.67
CA LYS A 167 -5.23 19.02 -8.44
C LYS A 167 -3.84 19.49 -8.86
N ASN A 168 -3.83 20.49 -9.74
CA ASN A 168 -2.60 21.08 -10.25
C ASN A 168 -1.75 20.05 -11.01
N LEU A 169 -2.41 19.24 -11.82
CA LEU A 169 -1.74 18.27 -12.68
C LEU A 169 -1.68 18.79 -14.10
N GLU A 170 -0.65 18.35 -14.83
CA GLU A 170 -0.56 18.69 -16.25
C GLU A 170 -1.43 17.77 -17.09
N ASN A 171 -1.32 16.46 -16.87
CA ASN A 171 -2.10 15.49 -17.62
C ASN A 171 -3.21 14.91 -16.74
N PHE A 172 -4.11 15.77 -16.27
CA PHE A 172 -5.28 15.33 -15.53
C PHE A 172 -6.18 14.45 -16.38
N GLN A 173 -6.26 14.73 -17.69
CA GLN A 173 -7.09 13.92 -18.57
C GLN A 173 -6.59 12.49 -18.67
N LEU A 174 -5.28 12.29 -18.62
CA LEU A 174 -4.73 10.95 -18.60
C LEU A 174 -5.20 10.19 -17.36
N VAL A 175 -5.14 10.84 -16.19
CA VAL A 175 -5.60 10.22 -14.96
C VAL A 175 -7.09 9.90 -15.05
N GLU A 176 -7.87 10.81 -15.63
CA GLU A 176 -9.31 10.58 -15.79
C GLU A 176 -9.58 9.35 -16.66
N GLY A 177 -8.90 9.28 -17.82
CA GLY A 177 -9.10 8.15 -18.71
C GLY A 177 -8.70 6.84 -18.09
N VAL A 178 -7.55 6.81 -17.42
CA VAL A 178 -7.10 5.59 -16.76
C VAL A 178 -8.07 5.19 -15.66
N GLN A 179 -8.56 6.17 -14.90
CA GLN A 179 -9.54 5.91 -13.86
C GLN A 179 -10.76 5.21 -14.42
N GLU A 180 -11.34 5.76 -15.48
CA GLU A 180 -12.57 5.18 -16.01
C GLU A 180 -12.31 3.85 -16.70
N GLN A 181 -11.14 3.68 -17.33
CA GLN A 181 -10.78 2.39 -17.89
C GLN A 181 -10.76 1.31 -16.82
N VAL A 182 -10.05 1.58 -15.72
CA VAL A 182 -9.96 0.60 -14.64
C VAL A 182 -11.34 0.38 -14.01
N ASN A 183 -12.14 1.44 -13.91
CA ASN A 183 -13.50 1.30 -13.40
C ASN A 183 -14.31 0.32 -14.22
N ALA A 184 -14.37 0.53 -15.54
CA ALA A 184 -15.12 -0.36 -16.41
C ALA A 184 -14.58 -1.79 -16.35
N ALA A 185 -13.25 -1.94 -16.36
CA ALA A 185 -12.66 -3.27 -16.36
C ALA A 185 -13.00 -4.03 -15.08
N LEU A 186 -12.82 -3.39 -13.93
CA LEU A 186 -13.10 -4.05 -12.66
C LEU A 186 -14.60 -4.35 -12.51
N LEU A 187 -15.45 -3.42 -12.94
CA LEU A 187 -16.89 -3.66 -12.89
C LEU A 187 -17.26 -4.88 -13.70
N ASP A 188 -16.80 -4.94 -14.95
CA ASP A 188 -17.07 -6.11 -15.79
C ASP A 188 -16.57 -7.39 -15.14
N TYR A 189 -15.33 -7.37 -14.64
CA TYR A 189 -14.74 -8.58 -14.08
C TYR A 189 -15.54 -9.10 -12.89
N THR A 190 -15.84 -8.23 -11.94
CA THR A 190 -16.49 -8.70 -10.72
C THR A 190 -17.96 -9.04 -10.97
N MET A 191 -18.67 -8.27 -11.80
CA MET A 191 -20.04 -8.64 -12.12
C MET A 191 -20.09 -9.94 -12.93
N CYS A 192 -19.01 -10.28 -13.63
CA CYS A 192 -18.97 -11.51 -14.39
C CYS A 192 -18.64 -12.72 -13.50
N ASN A 193 -17.43 -12.74 -12.94
CA ASN A 193 -16.95 -13.90 -12.21
C ASN A 193 -17.60 -14.06 -10.83
N TYR A 194 -18.37 -13.08 -10.37
CA TYR A 194 -19.05 -13.15 -9.08
C TYR A 194 -20.50 -12.69 -9.24
N PRO A 195 -21.35 -13.51 -9.85
CA PRO A 195 -22.76 -13.12 -10.04
C PRO A 195 -23.63 -13.31 -8.81
N GLN A 196 -23.16 -14.05 -7.80
CA GLN A 196 -23.98 -14.30 -6.62
C GLN A 196 -24.27 -13.00 -5.87
N GLN A 197 -23.28 -12.13 -5.76
CA GLN A 197 -23.39 -10.89 -4.99
C GLN A 197 -23.42 -9.72 -5.96
N THR A 198 -24.63 -9.41 -6.45
CA THR A 198 -24.90 -8.31 -7.36
C THR A 198 -24.19 -7.02 -6.96
N GLU A 199 -24.17 -6.74 -5.66
CA GLU A 199 -23.69 -5.48 -5.12
C GLU A 199 -22.21 -5.50 -4.77
N LYS A 200 -21.47 -6.52 -5.20
CA LYS A 200 -20.07 -6.63 -4.80
C LYS A 200 -19.24 -5.47 -5.32
N PHE A 201 -19.57 -4.93 -6.48
CA PHE A 201 -18.81 -3.81 -7.03
C PHE A 201 -18.96 -2.57 -6.16
N GLY A 202 -20.20 -2.23 -5.81
CA GLY A 202 -20.42 -1.10 -4.92
C GLY A 202 -19.81 -1.33 -3.54
N GLN A 203 -19.87 -2.57 -3.06
CA GLN A 203 -19.26 -2.89 -1.77
C GLN A 203 -17.75 -2.69 -1.81
N LEU A 204 -17.12 -3.06 -2.93
CA LEU A 204 -15.68 -2.85 -3.07
C LEU A 204 -15.35 -1.37 -3.14
N LEU A 205 -16.13 -0.60 -3.91
CA LEU A 205 -15.85 0.82 -4.04
C LEU A 205 -16.17 1.61 -2.78
N LEU A 206 -17.03 1.08 -1.90
CA LEU A 206 -17.39 1.80 -0.70
C LEU A 206 -16.26 1.84 0.32
N ARG A 207 -15.37 0.85 0.29
CA ARG A 207 -14.31 0.74 1.30
C ARG A 207 -13.09 1.59 0.99
N LEU A 208 -13.07 2.28 -0.15
CA LEU A 208 -11.92 3.13 -0.49
C LEU A 208 -11.82 4.35 0.43
N PRO A 209 -12.92 5.05 0.74
CA PRO A 209 -12.82 6.15 1.73
C PRO A 209 -12.35 5.69 3.11
N GLU A 210 -12.68 4.46 3.52
CA GLU A 210 -12.25 3.98 4.83
C GLU A 210 -10.73 3.78 4.86
N ILE A 211 -10.19 3.11 3.84
CA ILE A 211 -8.74 2.96 3.74
C ILE A 211 -8.08 4.33 3.61
N ARG A 212 -8.72 5.27 2.92
CA ARG A 212 -8.17 6.61 2.79
C ARG A 212 -8.10 7.32 4.14
N ALA A 213 -9.16 7.21 4.95
CA ALA A 213 -9.16 7.87 6.25
C ALA A 213 -8.15 7.23 7.20
N ILE A 214 -8.08 5.89 7.20
CA ILE A 214 -7.07 5.22 8.01
C ILE A 214 -5.67 5.65 7.59
N SER A 215 -5.48 5.82 6.27
CA SER A 215 -4.18 6.24 5.74
C SER A 215 -3.83 7.64 6.21
N MET A 216 -4.80 8.55 6.16
CA MET A 216 -4.53 9.92 6.58
C MET A 216 -4.22 9.99 8.07
N GLN A 217 -4.98 9.24 8.89
CA GLN A 217 -4.71 9.21 10.32
C GLN A 217 -3.33 8.67 10.63
N ALA A 218 -2.96 7.54 9.98
CA ALA A 218 -1.64 6.96 10.20
C ALA A 218 -0.53 7.90 9.72
N GLU A 219 -0.75 8.57 8.59
CA GLU A 219 0.26 9.50 8.07
C GLU A 219 0.47 10.67 9.01
N GLU A 220 -0.62 11.21 9.56
CA GLU A 220 -0.49 12.31 10.52
C GLU A 220 0.20 11.85 11.79
N TYR A 221 -0.14 10.65 12.28
CA TYR A 221 0.54 10.12 13.46
C TYR A 221 2.03 9.97 13.21
N LEU A 222 2.40 9.43 12.05
CA LEU A 222 3.83 9.24 11.75
C LEU A 222 4.54 10.57 11.58
N TYR A 223 3.86 11.56 10.97
CA TYR A 223 4.46 12.88 10.83
C TYR A 223 4.74 13.50 12.19
N TYR A 224 3.76 13.47 13.09
CA TYR A 224 3.97 14.03 14.42
C TYR A 224 5.00 13.24 15.22
N LYS A 225 5.09 11.93 14.99
CA LYS A 225 6.08 11.12 15.70
C LYS A 225 7.49 11.41 15.20
N HIS A 226 7.66 11.56 13.89
CA HIS A 226 8.97 11.88 13.33
C HIS A 226 9.38 13.30 13.66
N LEU A 227 8.42 14.20 13.85
CA LEU A 227 8.75 15.51 14.39
C LEU A 227 9.13 15.46 15.86
N ASN A 228 8.85 14.34 16.53
CA ASN A 228 9.37 14.08 17.86
C ASN A 228 10.62 13.21 17.86
N GLY A 229 11.02 12.70 16.69
CA GLY A 229 12.27 11.99 16.55
C GLY A 229 12.20 10.49 16.74
N ASP A 230 11.01 9.90 16.67
CA ASP A 230 10.86 8.46 16.89
C ASP A 230 11.06 7.63 15.64
N VAL A 231 11.20 8.26 14.48
CA VAL A 231 11.39 7.56 13.21
C VAL A 231 12.85 7.72 12.80
N PRO A 232 13.53 6.64 12.41
CA PRO A 232 14.92 6.77 11.94
C PRO A 232 14.99 7.56 10.64
N TYR A 233 16.20 7.96 10.28
CA TYR A 233 16.46 8.82 9.14
C TYR A 233 17.06 8.01 7.98
N ASN A 234 17.65 8.72 7.02
CA ASN A 234 18.16 8.12 5.79
C ASN A 234 17.08 7.26 5.13
N ASN A 235 15.88 7.84 5.03
CA ASN A 235 14.68 7.08 4.71
C ASN A 235 13.96 7.68 3.52
N LEU A 236 13.13 6.84 2.89
CA LEU A 236 12.13 7.32 1.95
C LEU A 236 10.86 7.78 2.66
N LEU A 237 10.51 7.11 3.77
CA LEU A 237 9.36 7.49 4.55
C LEU A 237 9.53 8.90 5.13
N ILE A 238 10.75 9.24 5.55
CA ILE A 238 11.02 10.57 6.07
C ILE A 238 10.75 11.63 5.00
N GLU A 239 11.33 11.44 3.82
CA GLU A 239 11.12 12.39 2.73
C GLU A 239 9.65 12.45 2.34
N MET A 240 8.92 11.34 2.46
CA MET A 240 7.48 11.36 2.21
C MET A 240 6.78 12.26 3.21
N LEU A 241 7.05 12.06 4.51
CA LEU A 241 6.46 12.93 5.52
C LEU A 241 7.01 14.35 5.45
N HIS A 242 8.25 14.50 4.99
CA HIS A 242 8.88 15.81 4.87
C HIS A 242 8.41 16.51 3.58
N ALA A 243 7.10 16.71 3.50
CA ALA A 243 6.50 17.33 2.33
C ALA A 243 5.21 18.06 2.71
N ASN B 3 10.87 17.42 -2.26
CA ASN B 3 11.38 16.05 -2.11
C ASN B 3 12.37 15.71 -3.21
N ALA B 4 13.65 15.59 -2.83
CA ALA B 4 14.71 15.31 -3.80
C ALA B 4 14.96 13.83 -4.01
N LEU B 5 14.79 13.00 -2.97
CA LEU B 5 15.03 11.58 -3.12
C LEU B 5 14.01 10.93 -4.06
N LEU B 6 12.74 11.33 -3.94
CA LEU B 6 11.72 10.79 -4.84
C LEU B 6 11.98 11.21 -6.28
N ARG B 7 12.39 12.47 -6.48
CA ARG B 7 12.74 12.93 -7.82
C ARG B 7 13.92 12.14 -8.38
N TYR B 8 14.94 11.89 -7.55
CA TYR B 8 16.08 11.09 -7.98
C TYR B 8 15.64 9.68 -8.38
N LEU B 9 14.80 9.05 -7.56
CA LEU B 9 14.31 7.71 -7.87
C LEU B 9 13.54 7.68 -9.18
N LEU B 10 12.63 8.65 -9.37
CA LEU B 10 11.81 8.67 -10.58
C LEU B 10 12.59 9.11 -11.80
N ASP B 11 13.72 9.80 -11.62
CA ASP B 11 14.56 10.23 -12.73
C ASP B 11 15.65 9.23 -13.07
N LYS B 12 15.87 8.22 -12.22
CA LYS B 12 16.82 7.16 -12.56
C LYS B 12 16.52 6.52 -13.90
N ASP B 13 15.25 6.55 -14.34
CA ASP B 13 14.84 5.97 -15.62
C ASP B 13 15.25 4.50 -15.73
C15 XKE C . 2.35 -2.57 14.05
C12 XKE C . 1.58 -2.20 10.48
C10 XKE C . 3.21 -1.34 8.87
C18 XKE C . 3.74 -1.68 17.24
C13 XKE C . 1.16 -2.88 11.74
C20 XKE C . 4.09 0.39 18.67
C16 XKE C . 3.06 -1.43 14.79
C17 XKE C . 2.62 -1.28 16.25
C11 XKE C . 2.99 -2.40 9.96
C19 XKE C . 4.67 -0.52 17.57
C14 XKE C . 1.27 -2.08 13.07
C01 XKE C . 1.57 1.90 8.40
C02 XKE C . 2.19 0.95 9.12
C03 XKE C . 3.14 1.38 10.20
C04 XKE C . 4.39 1.96 9.93
C05 XKE C . 5.25 2.36 10.95
C06 XKE C . 4.90 2.21 12.29
C07 XKE C . 3.67 1.65 12.58
C08 XKE C . 2.80 1.25 11.55
C09 XKE C . 1.90 -0.51 8.79
C21 XKE C . 4.66 1.80 18.59
C22 XKE C . 3.61 2.84 18.88
C27 XKE C . 0.94 -1.23 9.76
C28 XKE C . -0.43 -0.73 9.94
C29 XKE C . -0.69 0.49 10.57
C30 XKE C . -1.98 0.98 10.75
C31 XKE C . -3.08 0.25 10.32
C32 XKE C . -2.85 -0.98 9.70
C33 XKE C . -1.56 -1.46 9.51
C34 XKE C . 3.47 -1.96 7.47
C36 XKE C . 2.11 -1.98 6.77
C37 XKE C . 1.42 -0.73 7.30
N23 XKE C . 2.29 2.66 19.07
N24 XKE C . 1.78 3.90 19.30
N25 XKE C . 2.70 4.83 19.25
N26 XKE C . 3.88 4.18 18.99
O35 XKE C . 4.33 -1.14 6.74
#